data_9FWP
#
_entry.id   9FWP
#
_cell.length_a   62.265
_cell.length_b   70.817
_cell.length_c   109.384
_cell.angle_alpha   90
_cell.angle_beta   90
_cell.angle_gamma   90
#
_symmetry.space_group_name_H-M   'P 21 21 21'
#
loop_
_entity.id
_entity.type
_entity.pdbx_description
1 polymer 'Non-structural protein 10'
2 polymer 'Guanine-N7 methyltransferase nsp14'
3 non-polymer 'ZINC ION'
4 non-polymer N-methylbenzamide
5 non-polymer 'MAGNESIUM ION'
6 water water
#
loop_
_entity_poly.entity_id
_entity_poly.type
_entity_poly.pdbx_seq_one_letter_code
_entity_poly.pdbx_strand_id
1 'polypeptide(L)'
;AGNATEVPANSTVLSFCAFAVDAAKAYKDYLASGGQPITNCVKMLCTHTGTGQAITVTPEANMDQESFGGASCCLYCRCH
IDHPNPKGFCDLKGKYVQIPTTCANDPVGFTLKNTVCTVCGMWKGYGCSCD
;
A
2 'polypeptide(L)'
;MAENVTGLFKDCSKVITGLHPTQAPTHLSVDTKFKTEGLCVDIPGIPKDMTYRRLISMMGFKMNYQVNGYPNMFITREEA
IRHVRAWIGFDVEGCHATREAVGTNLPLQLGFSTGVNLVAVPTGYVDTPNNTDFSRVSAKPPPGDQFKHLIPLMYKGLPW
NVVRIKIVQMLSDTLKNLSDRVVFVLWAHGFELTSMKYFVKIGPERTCCLCDRRATCFSTASDTYACWHHSIGFDYVYNP
FMIDVQQWGFTGNLQSNHDLYCQVHGNAHVASCDAIMTRCLAVHECFVKR
;
B
#
loop_
_chem_comp.id
_chem_comp.type
_chem_comp.name
_chem_comp.formula
A1IGK non-polymer N-methylbenzamide 'C8 H9 N O'
MG non-polymer 'MAGNESIUM ION' 'Mg 2'
ZN non-polymer 'ZINC ION' 'Zn 2'
#
# COMPACT_ATOMS: atom_id res chain seq x y z
N ALA A 1 -17.90 -1.47 -9.39
CA ALA A 1 -17.97 -0.04 -9.15
C ALA A 1 -16.56 0.56 -9.03
N GLY A 2 -16.40 1.79 -9.49
CA GLY A 2 -15.11 2.47 -9.40
C GLY A 2 -14.36 2.54 -10.71
N ASN A 3 -13.27 3.31 -10.72
CA ASN A 3 -12.50 3.49 -11.96
C ASN A 3 -11.05 3.14 -11.78
N ALA A 4 -10.57 2.15 -12.53
CA ALA A 4 -9.18 1.67 -12.44
C ALA A 4 -8.18 2.76 -12.73
N THR A 5 -7.21 2.94 -11.85
CA THR A 5 -6.18 3.95 -12.04
CA THR A 5 -6.16 3.94 -12.08
C THR A 5 -4.88 3.30 -12.58
N GLU A 6 -4.66 2.00 -12.30
CA GLU A 6 -3.42 1.34 -12.66
C GLU A 6 -3.48 0.15 -13.64
N VAL A 7 -2.29 -0.23 -14.15
CA VAL A 7 -2.07 -1.34 -15.06
C VAL A 7 -1.30 -2.46 -14.31
N PRO A 8 -1.46 -3.75 -14.70
CA PRO A 8 -0.79 -4.83 -13.96
C PRO A 8 0.72 -4.76 -13.94
N ALA A 9 1.35 -4.13 -14.94
CA ALA A 9 2.81 -4.00 -14.98
C ALA A 9 3.38 -3.22 -13.79
N ASN A 10 2.55 -2.38 -13.11
CA ASN A 10 3.05 -1.62 -11.97
C ASN A 10 2.77 -2.26 -10.60
N SER A 11 1.92 -3.30 -10.54
CA SER A 11 1.55 -3.94 -9.29
C SER A 11 2.72 -4.28 -8.33
N THR A 12 3.74 -5.00 -8.82
CA THR A 12 4.85 -5.41 -7.98
C THR A 12 5.60 -4.23 -7.36
N VAL A 13 6.05 -3.27 -8.17
CA VAL A 13 6.80 -2.13 -7.65
C VAL A 13 5.96 -1.22 -6.76
N LEU A 14 4.69 -0.96 -7.12
CA LEU A 14 3.84 -0.12 -6.29
C LEU A 14 3.56 -0.80 -4.96
N SER A 15 3.34 -2.13 -4.97
CA SER A 15 3.07 -2.87 -3.74
C SER A 15 4.27 -2.90 -2.83
N PHE A 16 5.44 -3.07 -3.39
CA PHE A 16 6.71 -3.09 -2.67
C PHE A 16 6.99 -1.72 -2.02
N CYS A 17 6.88 -0.62 -2.79
CA CYS A 17 7.11 0.72 -2.25
C CYS A 17 5.99 1.20 -1.32
N ALA A 18 4.78 0.67 -1.49
CA ALA A 18 3.64 1.00 -0.61
C ALA A 18 3.82 0.42 0.81
N PHE A 19 4.59 -0.67 0.96
CA PHE A 19 4.81 -1.26 2.29
C PHE A 19 6.16 -0.85 2.92
N ALA A 20 7.11 -0.33 2.13
CA ALA A 20 8.43 0.03 2.65
C ALA A 20 8.50 1.15 3.69
N VAL A 21 9.47 1.05 4.65
CA VAL A 21 9.70 2.11 5.64
CA VAL A 21 9.73 2.10 5.65
C VAL A 21 10.27 3.32 4.90
N ASP A 22 11.20 3.08 3.96
CA ASP A 22 11.84 4.07 3.11
C ASP A 22 11.50 3.69 1.66
N ALA A 23 10.42 4.27 1.14
CA ALA A 23 9.98 4.03 -0.23
C ALA A 23 11.00 4.47 -1.28
N ALA A 24 11.70 5.59 -1.05
CA ALA A 24 12.70 6.08 -2.00
C ALA A 24 13.82 5.04 -2.18
N LYS A 25 14.38 4.51 -1.07
CA LYS A 25 15.43 3.51 -1.13
C LYS A 25 14.87 2.24 -1.74
N ALA A 26 13.65 1.82 -1.34
CA ALA A 26 12.99 0.66 -1.94
C ALA A 26 12.90 0.74 -3.47
N TYR A 27 12.47 1.89 -4.02
CA TYR A 27 12.37 2.04 -5.47
C TYR A 27 13.74 1.99 -6.17
N LYS A 28 14.74 2.67 -5.63
CA LYS A 28 16.10 2.65 -6.19
C LYS A 28 16.66 1.22 -6.14
N ASP A 29 16.42 0.50 -5.04
CA ASP A 29 16.89 -0.88 -4.91
C ASP A 29 16.16 -1.83 -5.86
N TYR A 30 14.87 -1.55 -6.12
CA TYR A 30 14.05 -2.28 -7.06
C TYR A 30 14.65 -2.12 -8.45
N LEU A 31 15.05 -0.88 -8.83
CA LEU A 31 15.62 -0.65 -10.13
C LEU A 31 16.99 -1.36 -10.23
N ALA A 32 17.82 -1.24 -9.17
CA ALA A 32 19.15 -1.85 -9.12
C ALA A 32 19.10 -3.36 -9.25
N SER A 33 17.99 -3.99 -8.78
CA SER A 33 17.79 -5.45 -8.89
C SER A 33 17.12 -5.87 -10.22
N GLY A 34 17.17 -5.01 -11.23
CA GLY A 34 16.62 -5.33 -12.54
C GLY A 34 15.13 -5.10 -12.75
N GLY A 35 14.46 -4.52 -11.76
CA GLY A 35 13.04 -4.25 -11.87
C GLY A 35 12.74 -3.18 -12.90
N GLN A 36 11.57 -3.24 -13.54
CA GLN A 36 11.17 -2.25 -14.54
C GLN A 36 10.71 -0.91 -13.93
N PRO A 37 10.98 0.22 -14.61
CA PRO A 37 10.52 1.52 -14.10
C PRO A 37 9.01 1.64 -14.10
N ILE A 38 8.45 2.47 -13.19
CA ILE A 38 7.00 2.70 -13.12
C ILE A 38 6.52 3.29 -14.46
N THR A 39 5.49 2.68 -15.04
CA THR A 39 4.95 3.12 -16.32
C THR A 39 3.56 3.77 -16.11
N ASN A 40 2.83 4.14 -17.20
CA ASN A 40 1.49 4.73 -17.10
C ASN A 40 1.54 6.17 -16.55
N CYS A 41 2.68 6.86 -16.79
CA CYS A 41 2.81 8.26 -16.38
C CYS A 41 1.95 9.14 -17.31
N VAL A 42 1.72 10.40 -16.94
CA VAL A 42 0.91 11.31 -17.77
C VAL A 42 1.86 12.07 -18.69
N LYS A 43 2.13 11.53 -19.88
CA LYS A 43 3.02 12.18 -20.82
C LYS A 43 2.21 13.14 -21.68
N MET A 44 2.74 14.35 -21.89
CA MET A 44 2.05 15.41 -22.63
C MET A 44 2.41 15.56 -24.09
N LEU A 45 1.40 15.93 -24.88
CA LEU A 45 1.58 16.30 -26.26
C LEU A 45 1.80 17.81 -26.19
N CYS A 46 2.98 18.28 -26.61
CA CYS A 46 3.30 19.70 -26.51
C CYS A 46 4.14 20.17 -27.71
N THR A 47 4.29 21.49 -27.89
CA THR A 47 5.02 22.05 -29.02
C THR A 47 6.53 21.82 -28.97
N HIS A 48 7.08 21.61 -27.76
CA HIS A 48 8.51 21.46 -27.56
C HIS A 48 9.29 22.77 -27.86
N THR A 49 8.59 23.90 -27.75
CA THR A 49 9.13 25.26 -27.87
C THR A 49 8.93 25.98 -26.52
N GLY A 50 9.01 25.24 -25.41
CA GLY A 50 8.84 25.74 -24.06
C GLY A 50 10.14 26.26 -23.47
N THR A 51 10.04 26.91 -22.31
CA THR A 51 11.18 27.53 -21.63
C THR A 51 12.25 26.55 -21.19
N GLY A 52 11.86 25.33 -20.90
CA GLY A 52 12.80 24.32 -20.44
C GLY A 52 12.97 24.27 -18.94
N GLN A 53 12.19 25.04 -18.17
CA GLN A 53 12.25 25.00 -16.71
C GLN A 53 11.84 23.62 -16.18
N ALA A 54 12.25 23.25 -14.97
CA ALA A 54 11.97 21.92 -14.43
C ALA A 54 10.52 21.69 -13.98
N ILE A 55 9.96 22.56 -13.13
CA ILE A 55 8.60 22.39 -12.62
C ILE A 55 7.82 23.64 -12.97
N THR A 56 6.80 23.51 -13.82
CA THR A 56 6.05 24.65 -14.36
C THR A 56 4.52 24.53 -14.25
N VAL A 57 3.78 25.64 -14.38
CA VAL A 57 2.32 25.58 -14.31
C VAL A 57 1.69 25.06 -15.65
N THR A 58 2.40 25.19 -16.76
CA THR A 58 1.98 24.69 -18.08
C THR A 58 3.14 23.84 -18.64
N PRO A 59 2.92 22.92 -19.61
CA PRO A 59 4.07 22.16 -20.15
C PRO A 59 5.06 23.11 -20.79
N GLU A 60 6.31 23.02 -20.38
CA GLU A 60 7.38 23.87 -20.86
C GLU A 60 8.54 23.10 -21.46
N ALA A 61 8.28 21.90 -22.01
CA ALA A 61 9.36 21.10 -22.58
C ALA A 61 10.00 21.78 -23.78
N ASN A 62 11.33 21.72 -23.86
CA ASN A 62 12.05 22.23 -25.01
C ASN A 62 12.32 21.04 -25.97
N MET A 63 13.23 21.17 -26.95
CA MET A 63 13.48 20.08 -27.88
C MET A 63 14.23 18.89 -27.24
N ASP A 64 14.87 19.10 -26.09
CA ASP A 64 15.60 18.02 -25.40
C ASP A 64 14.83 17.38 -24.25
N GLN A 65 13.55 17.75 -24.03
CA GLN A 65 12.76 17.24 -22.91
C GLN A 65 11.42 16.65 -23.32
N GLU A 66 10.75 15.98 -22.36
CA GLU A 66 9.38 15.49 -22.44
C GLU A 66 8.62 16.09 -21.24
N SER A 67 7.39 16.56 -21.45
CA SER A 67 6.58 17.11 -20.35
C SER A 67 5.66 16.05 -19.78
N PHE A 68 5.50 16.06 -18.47
CA PHE A 68 4.64 15.10 -17.80
C PHE A 68 3.79 15.80 -16.73
N GLY A 69 2.68 15.17 -16.35
CA GLY A 69 1.89 15.66 -15.22
C GLY A 69 2.67 15.29 -13.98
N GLY A 70 2.91 16.25 -13.12
CA GLY A 70 3.72 16.14 -11.91
C GLY A 70 3.36 15.05 -10.92
N ALA A 71 2.07 14.85 -10.61
CA ALA A 71 1.67 13.81 -9.66
C ALA A 71 2.08 12.42 -10.16
N SER A 72 2.03 12.21 -11.49
CA SER A 72 2.37 10.93 -12.10
C SER A 72 3.88 10.62 -12.07
N CYS A 73 4.71 11.64 -11.78
CA CYS A 73 6.17 11.51 -11.65
C CYS A 73 6.63 11.46 -10.20
N CYS A 74 5.70 11.43 -9.25
CA CYS A 74 6.00 11.43 -7.85
C CYS A 74 5.74 10.04 -7.26
N LEU A 75 6.76 9.40 -6.71
CA LEU A 75 6.62 8.07 -6.13
C LEU A 75 5.57 8.03 -5.01
N TYR A 76 5.53 9.08 -4.18
CA TYR A 76 4.61 9.20 -3.05
C TYR A 76 3.17 9.35 -3.48
N CYS A 77 2.94 10.08 -4.61
CA CYS A 77 1.61 10.24 -5.25
C CYS A 77 1.21 8.88 -5.89
N ARG A 78 2.15 8.25 -6.59
CA ARG A 78 1.91 6.97 -7.28
C ARG A 78 1.58 5.84 -6.31
N CYS A 79 2.18 5.82 -5.11
CA CYS A 79 1.96 4.79 -4.08
C CYS A 79 0.93 5.17 -3.04
N HIS A 80 0.45 6.42 -3.04
CA HIS A 80 -0.53 6.91 -2.09
C HIS A 80 -0.01 6.83 -0.66
N ILE A 81 1.28 7.15 -0.48
CA ILE A 81 1.96 7.15 0.83
C ILE A 81 2.33 8.58 1.27
N ASP A 82 2.80 8.74 2.53
CA ASP A 82 3.21 10.03 3.09
C ASP A 82 4.33 10.68 2.30
N HIS A 83 4.31 12.02 2.18
CA HIS A 83 5.39 12.73 1.49
C HIS A 83 6.51 13.03 2.52
N PRO A 84 7.78 12.95 2.08
CA PRO A 84 8.91 13.11 3.03
C PRO A 84 9.17 14.49 3.60
N ASN A 85 8.63 15.55 2.98
CA ASN A 85 8.82 16.91 3.50
C ASN A 85 8.02 17.11 4.80
N PRO A 86 8.53 17.95 5.74
CA PRO A 86 7.83 18.12 7.04
C PRO A 86 6.36 18.50 6.97
N LYS A 87 5.93 19.29 5.96
CA LYS A 87 4.52 19.67 5.84
C LYS A 87 3.62 18.53 5.31
N GLY A 88 4.22 17.50 4.71
CA GLY A 88 3.49 16.36 4.17
C GLY A 88 2.77 16.65 2.85
N PHE A 89 3.09 17.78 2.20
CA PHE A 89 2.45 18.14 0.94
C PHE A 89 3.40 17.98 -0.26
N CYS A 90 2.83 17.81 -1.45
CA CYS A 90 3.61 17.58 -2.64
C CYS A 90 4.02 18.85 -3.37
N ASP A 91 5.20 18.82 -3.99
CA ASP A 91 5.67 19.93 -4.82
C ASP A 91 5.47 19.64 -6.34
N LEU A 92 5.22 18.38 -6.72
CA LEU A 92 5.03 18.02 -8.12
C LEU A 92 3.55 17.98 -8.50
N LYS A 93 2.68 17.48 -7.61
CA LYS A 93 1.25 17.42 -7.88
C LYS A 93 0.68 18.83 -8.06
N GLY A 94 -0.01 19.04 -9.16
CA GLY A 94 -0.53 20.36 -9.52
C GLY A 94 0.36 21.12 -10.49
N LYS A 95 1.54 20.57 -10.80
CA LYS A 95 2.48 21.18 -11.74
C LYS A 95 2.83 20.20 -12.87
N TYR A 96 3.61 20.66 -13.83
CA TYR A 96 4.13 19.86 -14.93
C TYR A 96 5.63 19.72 -14.70
N VAL A 97 6.17 18.54 -14.96
CA VAL A 97 7.59 18.31 -14.81
C VAL A 97 8.19 18.05 -16.17
N GLN A 98 9.32 18.71 -16.45
CA GLN A 98 10.04 18.54 -17.69
C GLN A 98 11.18 17.58 -17.36
N ILE A 99 11.24 16.46 -18.08
CA ILE A 99 12.23 15.42 -17.89
C ILE A 99 13.08 15.34 -19.15
N PRO A 100 14.43 15.24 -19.04
CA PRO A 100 15.25 15.04 -20.25
C PRO A 100 14.79 13.82 -21.06
N THR A 101 14.79 13.91 -22.39
CA THR A 101 14.36 12.80 -23.25
C THR A 101 15.14 11.51 -22.98
N THR A 102 16.43 11.65 -22.61
CA THR A 102 17.27 10.51 -22.29
C THR A 102 16.82 9.80 -21.00
N CYS A 103 16.08 10.49 -20.11
CA CYS A 103 15.59 9.90 -18.86
C CYS A 103 14.07 9.69 -18.82
N ALA A 104 13.36 10.01 -19.90
CA ALA A 104 11.91 9.90 -20.05
C ALA A 104 11.36 8.48 -19.80
N ASN A 105 12.22 7.45 -19.85
CA ASN A 105 11.83 6.07 -19.58
C ASN A 105 11.51 5.83 -18.09
N ASP A 106 12.10 6.64 -17.20
CA ASP A 106 11.85 6.54 -15.78
C ASP A 106 11.63 7.92 -15.15
N PRO A 107 10.47 8.55 -15.43
CA PRO A 107 10.17 9.86 -14.83
C PRO A 107 10.15 9.87 -13.32
N VAL A 108 9.64 8.80 -12.67
CA VAL A 108 9.55 8.73 -11.21
C VAL A 108 10.95 8.69 -10.59
N GLY A 109 11.83 7.90 -11.18
CA GLY A 109 13.20 7.77 -10.71
C GLY A 109 13.99 9.03 -10.88
N PHE A 110 13.77 9.73 -12.01
CA PHE A 110 14.45 11.00 -12.27
C PHE A 110 14.13 12.04 -11.18
N THR A 111 12.86 12.26 -10.86
CA THR A 111 12.48 13.24 -9.86
C THR A 111 12.97 12.86 -8.45
N LEU A 112 13.09 11.55 -8.15
CA LEU A 112 13.57 11.07 -6.85
C LEU A 112 15.05 11.39 -6.64
N LYS A 113 15.85 11.26 -7.71
CA LYS A 113 17.29 11.40 -7.66
C LYS A 113 17.83 12.81 -7.93
N ASN A 114 17.06 13.65 -8.63
CA ASN A 114 17.54 14.94 -9.05
C ASN A 114 16.97 16.12 -8.28
N THR A 115 17.67 17.28 -8.34
CA THR A 115 17.27 18.51 -7.67
C THR A 115 17.15 19.67 -8.65
N VAL A 116 16.21 20.55 -8.38
CA VAL A 116 15.98 21.72 -9.23
C VAL A 116 16.82 22.88 -8.72
N CYS A 117 17.65 23.50 -9.57
CA CYS A 117 18.43 24.68 -9.18
C CYS A 117 17.48 25.82 -8.78
N THR A 118 17.63 26.30 -7.55
CA THR A 118 16.77 27.38 -7.05
C THR A 118 17.04 28.74 -7.73
N VAL A 119 18.16 28.87 -8.46
CA VAL A 119 18.49 30.13 -9.13
C VAL A 119 17.93 30.20 -10.57
N CYS A 120 18.25 29.21 -11.42
CA CYS A 120 17.77 29.26 -12.80
C CYS A 120 16.51 28.41 -13.08
N GLY A 121 16.06 27.61 -12.12
CA GLY A 121 14.88 26.78 -12.31
C GLY A 121 15.07 25.55 -13.18
N MET A 122 16.30 25.27 -13.63
CA MET A 122 16.56 24.08 -14.45
C MET A 122 17.12 22.94 -13.56
N TRP A 123 17.06 21.69 -14.04
CA TRP A 123 17.60 20.55 -13.28
C TRP A 123 19.13 20.63 -13.20
N LYS A 124 19.72 20.32 -12.03
CA LYS A 124 21.16 20.32 -11.86
C LYS A 124 21.74 19.13 -12.63
N GLY A 125 22.66 19.42 -13.55
CA GLY A 125 23.26 18.42 -14.43
C GLY A 125 22.51 18.25 -15.75
N TYR A 126 21.30 18.81 -15.85
CA TYR A 126 20.48 18.67 -17.02
C TYR A 126 19.86 20.03 -17.39
N GLY A 127 20.72 21.00 -17.69
CA GLY A 127 20.27 22.32 -18.07
C GLY A 127 20.64 23.48 -17.17
N CYS A 128 21.12 23.19 -15.94
CA CYS A 128 21.53 24.28 -15.04
C CYS A 128 22.78 24.94 -15.61
N SER A 129 22.63 26.19 -16.06
CA SER A 129 23.72 26.93 -16.68
C SER A 129 24.76 27.45 -15.68
N CYS A 130 24.32 27.95 -14.52
CA CYS A 130 25.24 28.50 -13.53
C CYS A 130 26.00 27.41 -12.72
N ASP A 131 27.04 27.82 -11.95
CA ASP A 131 27.84 26.91 -11.14
C ASP A 131 27.33 26.86 -9.69
N ASN B 4 -6.04 -3.56 -20.41
CA ASN B 4 -5.82 -4.41 -19.25
C ASN B 4 -5.48 -3.57 -18.02
N VAL B 5 -6.34 -3.65 -17.00
CA VAL B 5 -6.19 -2.87 -15.80
C VAL B 5 -6.18 -3.76 -14.54
N THR B 6 -5.81 -3.19 -13.39
CA THR B 6 -5.84 -3.87 -12.13
C THR B 6 -6.81 -3.11 -11.19
N GLY B 7 -7.23 -3.78 -10.13
CA GLY B 7 -8.05 -3.14 -9.10
C GLY B 7 -7.20 -2.42 -8.05
N LEU B 8 -5.86 -2.59 -8.10
CA LEU B 8 -4.97 -1.93 -7.18
C LEU B 8 -5.00 -0.43 -7.42
N PHE B 9 -5.30 0.32 -6.37
CA PHE B 9 -5.40 1.78 -6.40
C PHE B 9 -6.57 2.27 -7.22
N LYS B 10 -7.64 1.46 -7.34
CA LYS B 10 -8.85 1.84 -8.07
C LYS B 10 -9.49 3.05 -7.38
N ASP B 11 -9.89 4.06 -8.17
CA ASP B 11 -10.51 5.28 -7.67
C ASP B 11 -11.96 4.96 -7.36
N CYS B 12 -12.34 5.05 -6.11
CA CYS B 12 -13.67 4.69 -5.65
C CYS B 12 -14.60 5.88 -5.40
N SER B 13 -14.22 7.08 -5.85
CA SER B 13 -15.09 8.25 -5.71
C SER B 13 -16.27 8.17 -6.68
N LYS B 14 -17.29 9.02 -6.45
CA LYS B 14 -18.44 9.08 -7.35
C LYS B 14 -18.37 10.28 -8.32
N VAL B 15 -17.19 10.93 -8.44
CA VAL B 15 -16.95 12.05 -9.33
C VAL B 15 -17.10 11.57 -10.77
N ILE B 16 -17.96 12.24 -11.53
CA ILE B 16 -18.27 11.86 -12.89
C ILE B 16 -17.15 12.20 -13.92
N THR B 17 -16.10 12.91 -13.48
CA THR B 17 -14.97 13.26 -14.33
C THR B 17 -13.65 12.65 -13.81
N GLY B 18 -12.68 12.49 -14.70
CA GLY B 18 -11.34 12.06 -14.31
C GLY B 18 -10.57 13.23 -13.69
N LEU B 19 -9.24 13.12 -13.63
CA LEU B 19 -8.43 14.18 -13.04
C LEU B 19 -7.73 15.07 -14.07
N HIS B 20 -7.32 16.25 -13.62
CA HIS B 20 -6.58 17.18 -14.46
C HIS B 20 -5.19 16.56 -14.71
N PRO B 21 -4.57 16.74 -15.91
CA PRO B 21 -3.24 16.14 -16.15
C PRO B 21 -2.19 16.33 -15.06
N THR B 22 -2.17 17.47 -14.36
CA THR B 22 -1.19 17.71 -13.29
C THR B 22 -1.51 17.01 -11.97
N GLN B 23 -2.75 16.54 -11.78
CA GLN B 23 -3.16 15.94 -10.52
C GLN B 23 -3.43 14.43 -10.59
N ALA B 24 -3.66 13.93 -11.79
CA ALA B 24 -3.89 12.51 -12.01
C ALA B 24 -2.63 11.72 -11.68
N PRO B 25 -2.71 10.68 -10.85
CA PRO B 25 -1.50 9.86 -10.59
C PRO B 25 -1.08 9.06 -11.82
N THR B 26 -2.00 8.78 -12.74
CA THR B 26 -1.70 7.96 -13.91
C THR B 26 -2.41 8.49 -15.17
N HIS B 27 -1.95 8.05 -16.36
CA HIS B 27 -2.57 8.40 -17.64
C HIS B 27 -4.02 7.95 -17.65
N LEU B 28 -4.31 6.75 -17.15
CA LEU B 28 -5.64 6.17 -17.06
C LEU B 28 -6.59 7.08 -16.31
N SER B 29 -6.13 7.73 -15.22
CA SER B 29 -6.98 8.57 -14.40
C SER B 29 -7.22 9.98 -14.93
N VAL B 30 -6.49 10.41 -15.97
CA VAL B 30 -6.71 11.74 -16.55
C VAL B 30 -8.11 11.79 -17.17
N ASP B 31 -8.81 12.91 -17.02
CA ASP B 31 -10.14 13.11 -17.60
C ASP B 31 -10.08 12.96 -19.12
N THR B 32 -11.16 12.43 -19.72
CA THR B 32 -11.24 12.18 -21.17
C THR B 32 -11.04 13.43 -22.05
N LYS B 33 -11.45 14.63 -21.58
CA LYS B 33 -11.29 15.89 -22.35
C LYS B 33 -9.83 16.20 -22.72
N PHE B 34 -8.91 15.74 -21.89
CA PHE B 34 -7.50 16.00 -22.08
C PHE B 34 -6.79 14.95 -22.93
N LYS B 35 -7.44 13.82 -23.25
CA LYS B 35 -6.78 12.75 -24.00
C LYS B 35 -6.88 12.89 -25.51
N THR B 36 -5.76 12.64 -26.21
CA THR B 36 -5.66 12.65 -27.67
C THR B 36 -4.42 11.91 -28.12
N GLU B 37 -4.58 10.98 -29.08
CA GLU B 37 -3.49 10.20 -29.69
C GLU B 37 -2.56 9.46 -28.70
N GLY B 38 -3.13 8.86 -27.67
CA GLY B 38 -2.36 8.14 -26.65
C GLY B 38 -1.72 9.04 -25.60
N LEU B 39 -1.80 10.37 -25.76
CA LEU B 39 -1.20 11.32 -24.82
C LEU B 39 -2.26 12.25 -24.19
N CYS B 40 -1.82 13.25 -23.42
CA CYS B 40 -2.71 14.25 -22.84
C CYS B 40 -2.29 15.64 -23.27
N VAL B 41 -3.21 16.59 -23.24
CA VAL B 41 -2.91 17.98 -23.57
C VAL B 41 -3.29 18.89 -22.43
N ASP B 42 -2.54 19.96 -22.28
CA ASP B 42 -2.87 20.96 -21.31
C ASP B 42 -3.88 21.89 -21.99
N ILE B 43 -4.98 22.18 -21.31
CA ILE B 43 -5.99 23.06 -21.87
C ILE B 43 -6.12 24.29 -21.01
N PRO B 44 -5.43 25.39 -21.37
CA PRO B 44 -5.53 26.62 -20.55
C PRO B 44 -6.97 27.11 -20.58
N GLY B 45 -7.56 27.29 -19.40
CA GLY B 45 -8.97 27.63 -19.28
C GLY B 45 -9.77 26.55 -18.57
N ILE B 46 -9.25 25.30 -18.55
CA ILE B 46 -9.86 24.22 -17.78
C ILE B 46 -8.94 24.03 -16.58
N PRO B 47 -9.32 24.57 -15.41
CA PRO B 47 -8.40 24.55 -14.25
C PRO B 47 -8.32 23.25 -13.43
N LYS B 48 -7.34 23.20 -12.51
CA LYS B 48 -7.18 22.07 -11.60
C LYS B 48 -8.29 22.11 -10.53
N ASP B 49 -8.60 20.97 -9.91
CA ASP B 49 -9.62 20.90 -8.85
C ASP B 49 -8.88 21.03 -7.52
N MET B 50 -9.28 21.97 -6.65
CA MET B 50 -8.58 22.15 -5.37
C MET B 50 -9.35 21.70 -4.14
N THR B 51 -10.46 20.98 -4.31
CA THR B 51 -11.23 20.51 -3.16
C THR B 51 -11.53 19.01 -3.13
N TYR B 52 -11.14 18.26 -4.18
CA TYR B 52 -11.50 16.86 -4.29
C TYR B 52 -10.98 15.96 -3.15
N ARG B 53 -11.73 14.87 -2.90
CA ARG B 53 -11.39 13.82 -1.94
C ARG B 53 -11.75 12.51 -2.63
N ARG B 54 -10.73 11.76 -3.11
CA ARG B 54 -10.94 10.53 -3.86
C ARG B 54 -10.41 9.30 -3.15
N LEU B 55 -11.30 8.45 -2.65
CA LEU B 55 -10.91 7.23 -1.97
C LEU B 55 -10.18 6.27 -2.92
N ILE B 56 -8.98 5.84 -2.54
CA ILE B 56 -8.16 4.95 -3.35
C ILE B 56 -8.15 3.57 -2.70
N SER B 57 -8.53 2.55 -3.48
CA SER B 57 -8.61 1.17 -3.03
C SER B 57 -7.27 0.50 -2.76
N MET B 58 -7.11 -0.16 -1.58
CA MET B 58 -5.91 -0.91 -1.22
C MET B 58 -6.10 -2.43 -1.42
N MET B 59 -7.00 -2.83 -2.33
CA MET B 59 -7.25 -4.22 -2.67
C MET B 59 -6.51 -4.53 -3.95
N GLY B 60 -5.68 -5.57 -3.93
CA GLY B 60 -4.94 -5.99 -5.12
C GLY B 60 -3.43 -5.97 -5.00
N PHE B 61 -2.88 -5.84 -3.78
CA PHE B 61 -1.42 -5.86 -3.60
C PHE B 61 -0.83 -7.19 -4.06
N LYS B 62 0.38 -7.14 -4.59
CA LYS B 62 1.05 -8.34 -5.11
C LYS B 62 2.46 -8.33 -4.59
N MET B 63 2.75 -9.13 -3.55
CA MET B 63 4.06 -9.11 -2.93
C MET B 63 5.08 -10.07 -3.57
N ASN B 64 5.22 -10.06 -4.90
CA ASN B 64 6.18 -10.94 -5.59
C ASN B 64 7.50 -10.26 -6.03
N TYR B 65 7.94 -9.28 -5.24
CA TYR B 65 9.19 -8.56 -5.50
C TYR B 65 10.41 -9.49 -5.29
N GLN B 66 11.48 -9.26 -6.06
CA GLN B 66 12.73 -10.01 -5.99
C GLN B 66 13.83 -8.97 -5.84
N VAL B 67 14.04 -8.48 -4.62
CA VAL B 67 15.04 -7.44 -4.38
C VAL B 67 16.05 -7.89 -3.33
N ASN B 68 17.34 -7.94 -3.73
CA ASN B 68 18.47 -8.34 -2.89
C ASN B 68 18.46 -7.60 -1.55
N GLY B 69 18.54 -8.36 -0.46
CA GLY B 69 18.53 -7.78 0.88
C GLY B 69 17.16 -7.59 1.47
N TYR B 70 16.10 -7.82 0.70
CA TYR B 70 14.74 -7.68 1.20
C TYR B 70 14.15 -9.07 1.27
N PRO B 71 13.75 -9.51 2.46
CA PRO B 71 13.17 -10.86 2.56
C PRO B 71 11.80 -10.93 1.90
N ASN B 72 11.40 -12.13 1.46
CA ASN B 72 10.09 -12.32 0.86
C ASN B 72 9.05 -12.46 1.97
N MET B 73 7.88 -11.82 1.83
CA MET B 73 6.83 -11.92 2.84
C MET B 73 6.17 -13.32 2.81
N PHE B 74 5.77 -13.78 1.61
CA PHE B 74 5.13 -15.08 1.44
C PHE B 74 6.19 -16.16 1.33
N ILE B 75 6.16 -17.10 2.27
CA ILE B 75 7.14 -18.19 2.34
C ILE B 75 6.57 -19.52 1.86
N THR B 76 7.44 -20.49 1.58
CA THR B 76 7.01 -21.82 1.17
C THR B 76 6.42 -22.59 2.37
N ARG B 77 5.70 -23.70 2.11
N ARG B 77 5.70 -23.70 2.11
CA ARG B 77 5.12 -24.56 3.13
CA ARG B 77 5.11 -24.56 3.12
C ARG B 77 6.21 -25.17 3.99
C ARG B 77 6.21 -25.18 3.99
N GLU B 78 7.33 -25.58 3.38
CA GLU B 78 8.45 -26.18 4.09
C GLU B 78 9.14 -25.19 5.02
N GLU B 79 9.20 -23.91 4.62
CA GLU B 79 9.80 -22.89 5.49
C GLU B 79 8.83 -22.54 6.61
N ALA B 80 7.51 -22.50 6.33
CA ALA B 80 6.51 -22.24 7.36
C ALA B 80 6.52 -23.38 8.38
N ILE B 81 6.74 -24.64 7.94
CA ILE B 81 6.81 -25.78 8.85
C ILE B 81 7.95 -25.60 9.86
N ARG B 82 9.14 -25.20 9.37
CA ARG B 82 10.32 -24.94 10.18
C ARG B 82 10.04 -23.87 11.24
N HIS B 83 9.21 -22.87 10.90
CA HIS B 83 8.85 -21.77 11.80
C HIS B 83 7.44 -21.90 12.37
N VAL B 84 7.01 -23.14 12.71
CA VAL B 84 5.68 -23.39 13.24
C VAL B 84 5.46 -22.67 14.59
N ARG B 85 6.53 -22.41 15.35
CA ARG B 85 6.40 -21.68 16.62
C ARG B 85 5.99 -20.21 16.41
N ALA B 86 6.25 -19.65 15.21
CA ALA B 86 5.89 -18.29 14.84
C ALA B 86 4.47 -18.14 14.30
N TRP B 87 3.78 -19.26 14.02
CA TRP B 87 2.44 -19.21 13.44
C TRP B 87 1.41 -18.48 14.27
N ILE B 88 0.75 -17.49 13.65
CA ILE B 88 -0.38 -16.77 14.22
C ILE B 88 -1.44 -16.75 13.10
N GLY B 89 -2.59 -17.36 13.33
CA GLY B 89 -3.67 -17.33 12.35
C GLY B 89 -4.22 -15.91 12.27
N PHE B 90 -4.54 -15.44 11.05
CA PHE B 90 -5.00 -14.07 10.90
C PHE B 90 -6.16 -13.97 9.94
N ASP B 91 -7.23 -13.26 10.34
CA ASP B 91 -8.41 -13.06 9.53
C ASP B 91 -9.00 -11.69 9.78
N VAL B 92 -9.57 -11.06 8.74
CA VAL B 92 -10.19 -9.75 8.89
C VAL B 92 -11.59 -9.76 8.34
N GLU B 93 -12.55 -9.21 9.11
CA GLU B 93 -13.91 -9.00 8.65
C GLU B 93 -13.95 -7.52 8.28
N GLY B 94 -14.25 -7.24 7.03
CA GLY B 94 -14.28 -5.87 6.55
C GLY B 94 -15.64 -5.26 6.40
N CYS B 95 -15.67 -3.95 6.16
CA CYS B 95 -16.92 -3.25 5.85
C CYS B 95 -16.79 -2.58 4.46
N HIS B 96 -17.90 -2.17 3.87
CA HIS B 96 -17.90 -1.58 2.52
C HIS B 96 -17.86 -0.08 2.53
N ALA B 97 -17.12 0.53 1.58
CA ALA B 97 -17.10 1.99 1.46
C ALA B 97 -18.48 2.46 1.00
N THR B 98 -18.99 3.53 1.62
CA THR B 98 -20.32 4.03 1.29
C THR B 98 -20.39 5.57 1.26
N ARG B 99 -21.51 6.12 0.73
CA ARG B 99 -21.81 7.54 0.65
C ARG B 99 -20.87 8.30 -0.32
N GLU B 100 -19.78 8.91 0.14
CA GLU B 100 -18.85 9.64 -0.73
C GLU B 100 -17.97 8.73 -1.62
N ALA B 101 -18.05 7.41 -1.41
CA ALA B 101 -17.25 6.45 -2.15
C ALA B 101 -17.92 5.08 -2.21
N VAL B 102 -17.57 4.27 -3.23
CA VAL B 102 -18.11 2.92 -3.39
C VAL B 102 -17.13 2.08 -4.21
N GLY B 103 -16.88 0.84 -3.80
CA GLY B 103 -16.01 -0.06 -4.55
C GLY B 103 -14.81 -0.64 -3.81
N THR B 104 -14.70 -0.44 -2.49
CA THR B 104 -13.59 -1.02 -1.73
C THR B 104 -14.01 -1.43 -0.32
N ASN B 105 -13.24 -2.36 0.28
CA ASN B 105 -13.47 -2.85 1.61
C ASN B 105 -12.43 -2.27 2.58
N LEU B 106 -12.85 -1.95 3.79
CA LEU B 106 -11.98 -1.38 4.80
C LEU B 106 -11.96 -2.29 6.04
N PRO B 107 -10.80 -2.42 6.73
CA PRO B 107 -10.75 -3.32 7.89
C PRO B 107 -11.70 -2.89 9.02
N LEU B 108 -12.40 -3.87 9.60
CA LEU B 108 -13.33 -3.58 10.70
C LEU B 108 -12.95 -4.43 11.92
N GLN B 109 -12.97 -5.76 11.79
CA GLN B 109 -12.59 -6.63 12.89
C GLN B 109 -11.39 -7.50 12.52
N LEU B 110 -10.30 -7.33 13.24
CA LEU B 110 -9.09 -8.08 13.03
C LEU B 110 -9.00 -9.18 14.07
N GLY B 111 -9.02 -10.42 13.61
CA GLY B 111 -8.97 -11.59 14.47
C GLY B 111 -7.70 -12.39 14.35
N PHE B 112 -7.24 -12.91 15.50
CA PHE B 112 -6.00 -13.68 15.59
C PHE B 112 -6.24 -15.03 16.28
N SER B 113 -5.39 -16.03 16.01
CA SER B 113 -5.53 -17.34 16.65
C SER B 113 -5.25 -17.29 18.18
N THR B 114 -4.70 -16.16 18.69
CA THR B 114 -4.54 -15.92 20.12
C THR B 114 -5.92 -15.66 20.79
N GLY B 115 -6.99 -15.55 20.01
CA GLY B 115 -8.34 -15.30 20.51
C GLY B 115 -8.71 -13.83 20.56
N VAL B 116 -7.77 -12.95 20.19
CA VAL B 116 -7.94 -11.50 20.20
C VAL B 116 -8.69 -10.97 18.98
N ASN B 117 -9.68 -10.11 19.23
CA ASN B 117 -10.42 -9.37 18.23
C ASN B 117 -10.19 -7.89 18.51
N LEU B 118 -9.87 -7.13 17.47
CA LEU B 118 -9.67 -5.70 17.59
C LEU B 118 -10.61 -5.02 16.60
N VAL B 119 -11.32 -3.97 17.06
CA VAL B 119 -12.24 -3.26 16.18
C VAL B 119 -11.62 -1.92 15.77
N ALA B 120 -11.56 -1.68 14.45
CA ALA B 120 -10.97 -0.46 13.95
C ALA B 120 -12.01 0.49 13.38
N VAL B 121 -11.72 1.78 13.45
CA VAL B 121 -12.57 2.80 12.83
C VAL B 121 -12.35 2.63 11.33
N PRO B 122 -13.44 2.54 10.53
CA PRO B 122 -13.28 2.41 9.06
C PRO B 122 -12.47 3.59 8.50
N THR B 123 -11.21 3.33 8.13
CA THR B 123 -10.33 4.36 7.59
CA THR B 123 -10.27 4.32 7.65
C THR B 123 -9.83 3.95 6.22
N GLY B 124 -9.71 4.95 5.35
CA GLY B 124 -9.28 4.75 3.97
C GLY B 124 -8.18 5.69 3.53
N TYR B 125 -7.66 5.47 2.32
CA TYR B 125 -6.59 6.30 1.77
C TYR B 125 -7.23 7.23 0.77
N VAL B 126 -7.39 8.50 1.14
CA VAL B 126 -8.12 9.47 0.34
C VAL B 126 -7.21 10.48 -0.33
N ASP B 127 -7.14 10.44 -1.66
CA ASP B 127 -6.35 11.39 -2.42
C ASP B 127 -6.98 12.77 -2.41
N THR B 128 -6.14 13.79 -2.24
CA THR B 128 -6.52 15.21 -2.21
C THR B 128 -5.57 15.98 -3.18
N PRO B 129 -5.82 17.27 -3.48
CA PRO B 129 -4.92 17.99 -4.40
C PRO B 129 -3.47 18.11 -3.91
N ASN B 130 -3.23 17.77 -2.65
CA ASN B 130 -1.92 17.95 -2.02
C ASN B 130 -1.22 16.69 -1.60
N ASN B 131 -1.99 15.67 -1.22
CA ASN B 131 -1.39 14.47 -0.66
C ASN B 131 -2.42 13.33 -0.58
N THR B 132 -2.07 12.23 0.12
CA THR B 132 -3.02 11.19 0.44
C THR B 132 -3.31 11.35 1.92
N ASP B 133 -4.57 11.43 2.26
CA ASP B 133 -5.04 11.60 3.62
C ASP B 133 -5.60 10.29 4.14
N PHE B 134 -4.91 9.69 5.12
CA PHE B 134 -5.33 8.47 5.81
C PHE B 134 -6.35 8.93 6.82
N SER B 135 -7.64 8.71 6.57
CA SER B 135 -8.67 9.24 7.45
C SER B 135 -9.95 8.38 7.49
N ARG B 136 -10.82 8.63 8.49
CA ARG B 136 -12.09 7.91 8.64
C ARG B 136 -12.96 8.13 7.41
N VAL B 137 -13.57 7.08 6.91
CA VAL B 137 -14.45 7.17 5.75
C VAL B 137 -15.81 6.56 6.10
N SER B 138 -16.85 6.98 5.37
CA SER B 138 -18.20 6.46 5.59
C SER B 138 -18.24 5.02 5.14
N ALA B 139 -18.61 4.12 6.04
CA ALA B 139 -18.66 2.71 5.71
C ALA B 139 -19.94 2.05 6.21
N LYS B 140 -20.34 0.95 5.55
CA LYS B 140 -21.52 0.17 5.94
C LYS B 140 -21.12 -1.30 6.09
N PRO B 141 -21.66 -2.02 7.09
CA PRO B 141 -21.34 -3.45 7.21
C PRO B 141 -21.87 -4.24 6.01
N PRO B 142 -21.21 -5.35 5.64
CA PRO B 142 -21.64 -6.10 4.45
C PRO B 142 -23.12 -6.45 4.40
N PRO B 143 -23.74 -6.35 3.20
CA PRO B 143 -25.17 -6.66 3.09
C PRO B 143 -25.44 -8.15 3.32
N GLY B 144 -25.99 -8.46 4.49
CA GLY B 144 -26.31 -9.85 4.85
C GLY B 144 -26.69 -10.04 6.30
N ASP B 145 -27.10 -11.27 6.65
CA ASP B 145 -27.50 -11.57 8.02
C ASP B 145 -26.42 -12.28 8.83
N GLN B 146 -25.46 -12.95 8.17
CA GLN B 146 -24.32 -13.54 8.90
C GLN B 146 -23.35 -12.43 9.41
N PHE B 147 -23.50 -11.20 8.87
CA PHE B 147 -22.73 -10.01 9.24
C PHE B 147 -23.60 -9.02 10.06
N LYS B 148 -24.61 -9.52 10.79
CA LYS B 148 -25.43 -8.66 11.65
C LYS B 148 -24.71 -8.36 13.00
N HIS B 149 -23.67 -9.14 13.34
CA HIS B 149 -22.82 -8.94 14.52
C HIS B 149 -21.85 -7.76 14.32
N LEU B 150 -21.62 -7.32 13.07
CA LEU B 150 -20.74 -6.22 12.70
C LEU B 150 -21.40 -4.86 12.85
N ILE B 151 -22.75 -4.80 12.80
CA ILE B 151 -23.51 -3.54 12.92
C ILE B 151 -23.16 -2.77 14.21
N PRO B 152 -23.13 -3.37 15.42
CA PRO B 152 -22.73 -2.59 16.62
C PRO B 152 -21.27 -2.17 16.61
N LEU B 153 -20.41 -2.97 15.95
CA LEU B 153 -18.97 -2.70 15.86
C LEU B 153 -18.64 -1.44 15.06
N MET B 154 -19.56 -0.97 14.21
CA MET B 154 -19.33 0.26 13.43
C MET B 154 -19.15 1.51 14.34
N TYR B 155 -19.52 1.41 15.63
CA TYR B 155 -19.40 2.52 16.58
C TYR B 155 -18.44 2.21 17.75
N LYS B 156 -18.00 0.94 17.90
CA LYS B 156 -17.08 0.55 18.96
C LYS B 156 -15.62 0.40 18.48
N GLY B 157 -15.26 1.07 17.39
CA GLY B 157 -13.93 0.97 16.81
C GLY B 157 -12.93 1.97 17.34
N LEU B 158 -11.64 1.64 17.24
CA LEU B 158 -10.54 2.50 17.69
C LEU B 158 -9.79 3.09 16.50
N PRO B 159 -9.16 4.27 16.66
CA PRO B 159 -8.37 4.83 15.56
C PRO B 159 -7.15 3.93 15.26
N TRP B 160 -6.76 3.81 13.98
CA TRP B 160 -5.68 2.92 13.59
C TRP B 160 -4.35 3.15 14.33
N ASN B 161 -4.08 4.38 14.79
CA ASN B 161 -2.86 4.65 15.56
C ASN B 161 -2.82 3.84 16.88
N VAL B 162 -4.00 3.49 17.44
CA VAL B 162 -4.13 2.71 18.66
C VAL B 162 -4.16 1.22 18.29
N VAL B 163 -4.96 0.85 17.27
CA VAL B 163 -5.07 -0.52 16.79
C VAL B 163 -3.69 -1.16 16.48
N ARG B 164 -2.86 -0.50 15.65
CA ARG B 164 -1.55 -1.06 15.31
C ARG B 164 -0.61 -1.19 16.53
N ILE B 165 -0.83 -0.36 17.57
CA ILE B 165 -0.04 -0.44 18.80
C ILE B 165 -0.45 -1.72 19.56
N LYS B 166 -1.75 -2.00 19.62
CA LYS B 166 -2.29 -3.19 20.27
C LYS B 166 -1.91 -4.49 19.54
N ILE B 167 -1.78 -4.46 18.21
CA ILE B 167 -1.39 -5.65 17.45
C ILE B 167 0.06 -5.98 17.78
N VAL B 168 0.93 -4.96 17.75
CA VAL B 168 2.35 -5.12 18.07
C VAL B 168 2.50 -5.64 19.50
N GLN B 169 1.68 -5.13 20.43
CA GLN B 169 1.71 -5.53 21.84
C GLN B 169 1.31 -7.00 22.02
N MET B 170 0.22 -7.41 21.34
CA MET B 170 -0.25 -8.78 21.42
C MET B 170 0.75 -9.76 20.80
N LEU B 171 1.30 -9.44 19.62
CA LEU B 171 2.27 -10.31 18.96
C LEU B 171 3.53 -10.41 19.78
N SER B 172 3.98 -9.29 20.35
CA SER B 172 5.17 -9.28 21.20
C SER B 172 4.98 -10.12 22.46
N ASP B 173 3.81 -10.02 23.11
CA ASP B 173 3.56 -10.81 24.31
C ASP B 173 3.53 -12.30 23.96
N THR B 174 2.93 -12.66 22.82
CA THR B 174 2.79 -14.05 22.41
C THR B 174 4.05 -14.69 21.89
N LEU B 175 4.83 -13.97 21.09
CA LEU B 175 5.96 -14.57 20.39
C LEU B 175 7.35 -14.36 20.97
N LYS B 176 7.52 -13.49 21.99
CA LYS B 176 8.86 -13.23 22.55
C LYS B 176 9.57 -14.49 23.04
N ASN B 177 8.85 -15.45 23.64
CA ASN B 177 9.49 -16.69 24.11
C ASN B 177 9.38 -17.86 23.13
N LEU B 178 8.77 -17.64 21.94
CA LEU B 178 8.57 -18.71 20.99
C LEU B 178 9.40 -18.62 19.71
N SER B 179 9.60 -17.41 19.19
CA SER B 179 10.25 -17.26 17.90
C SER B 179 10.91 -15.90 17.70
N ASP B 180 11.78 -15.81 16.68
CA ASP B 180 12.41 -14.55 16.26
C ASP B 180 11.63 -13.89 15.09
N ARG B 181 10.40 -14.38 14.77
CA ARG B 181 9.57 -13.98 13.63
C ARG B 181 8.09 -14.06 13.97
N VAL B 182 7.25 -13.70 13.00
CA VAL B 182 5.83 -13.98 12.98
C VAL B 182 5.52 -14.57 11.60
N VAL B 183 4.68 -15.60 11.55
CA VAL B 183 4.21 -16.14 10.29
C VAL B 183 2.71 -16.07 10.40
N PHE B 184 2.07 -15.16 9.65
CA PHE B 184 0.61 -15.08 9.66
C PHE B 184 0.10 -16.24 8.81
N VAL B 185 -0.84 -17.00 9.33
CA VAL B 185 -1.40 -18.15 8.64
C VAL B 185 -2.75 -17.66 8.14
N LEU B 186 -2.93 -17.67 6.80
CA LEU B 186 -4.08 -17.07 6.15
C LEU B 186 -4.92 -18.08 5.32
N TRP B 187 -6.18 -17.71 5.04
CA TRP B 187 -7.10 -18.42 4.15
C TRP B 187 -7.65 -17.32 3.23
N ALA B 188 -7.30 -17.36 1.93
CA ALA B 188 -7.66 -16.35 0.90
C ALA B 188 -7.12 -14.98 1.36
N HIS B 189 -5.80 -14.85 1.29
CA HIS B 189 -4.99 -13.77 1.82
C HIS B 189 -5.29 -12.35 1.36
N GLY B 190 -6.04 -12.17 0.30
CA GLY B 190 -6.30 -10.86 -0.30
C GLY B 190 -6.63 -9.72 0.64
N PHE B 191 -7.73 -9.84 1.37
CA PHE B 191 -8.15 -8.80 2.29
C PHE B 191 -7.22 -8.67 3.52
N GLU B 192 -6.55 -9.77 3.90
CA GLU B 192 -5.62 -9.72 5.04
C GLU B 192 -4.37 -8.94 4.68
N LEU B 193 -3.88 -9.11 3.45
CA LEU B 193 -2.72 -8.39 2.90
C LEU B 193 -3.07 -6.89 2.79
N THR B 194 -4.30 -6.57 2.38
CA THR B 194 -4.82 -5.21 2.31
C THR B 194 -4.78 -4.58 3.70
N SER B 195 -5.23 -5.34 4.71
CA SER B 195 -5.26 -4.96 6.11
C SER B 195 -3.85 -4.74 6.64
N MET B 196 -2.90 -5.57 6.23
CA MET B 196 -1.50 -5.43 6.61
C MET B 196 -0.91 -4.07 6.22
N LYS B 197 -1.38 -3.42 5.14
CA LYS B 197 -0.89 -2.08 4.74
C LYS B 197 -1.06 -1.07 5.91
N TYR B 198 -2.08 -1.29 6.75
CA TYR B 198 -2.43 -0.51 7.91
C TYR B 198 -1.53 -0.76 9.13
N PHE B 199 -0.68 -1.80 9.17
CA PHE B 199 0.15 -2.07 10.36
C PHE B 199 1.47 -2.76 10.11
N VAL B 200 1.87 -2.89 8.85
CA VAL B 200 3.12 -3.57 8.49
C VAL B 200 4.03 -2.67 7.68
N LYS B 201 5.31 -2.75 7.93
CA LYS B 201 6.34 -2.08 7.15
C LYS B 201 7.39 -3.12 6.76
N ILE B 202 8.02 -2.91 5.62
CA ILE B 202 9.05 -3.84 5.13
C ILE B 202 10.35 -3.10 4.77
N GLY B 203 11.42 -3.85 4.66
CA GLY B 203 12.71 -3.33 4.26
C GLY B 203 13.78 -4.39 4.44
N PRO B 204 15.04 -3.96 4.48
CA PRO B 204 16.12 -4.92 4.72
C PRO B 204 16.13 -5.42 6.18
N GLU B 205 16.72 -6.60 6.42
CA GLU B 205 16.80 -7.14 7.77
C GLU B 205 17.59 -6.22 8.69
N ARG B 206 17.03 -5.98 9.87
CA ARG B 206 17.62 -5.10 10.86
C ARG B 206 17.79 -5.82 12.21
N THR B 207 18.60 -5.25 13.12
CA THR B 207 18.73 -5.81 14.45
C THR B 207 18.01 -4.91 15.47
N CYS B 208 17.76 -5.43 16.68
CA CYS B 208 17.11 -4.64 17.71
C CYS B 208 18.06 -3.53 18.18
N CYS B 209 17.51 -2.40 18.61
CA CYS B 209 18.33 -1.30 19.11
C CYS B 209 18.92 -1.65 20.50
N LEU B 210 18.18 -2.42 21.32
CA LEU B 210 18.60 -2.80 22.65
C LEU B 210 19.32 -4.16 22.75
N CYS B 211 19.33 -4.98 21.67
CA CYS B 211 20.01 -6.30 21.72
C CYS B 211 20.46 -6.82 20.33
N ASP B 212 21.01 -8.05 20.27
CA ASP B 212 21.48 -8.67 19.03
C ASP B 212 20.37 -9.43 18.27
N ARG B 213 19.15 -9.56 18.85
CA ARG B 213 18.08 -10.30 18.17
C ARG B 213 17.55 -9.53 16.96
N ARG B 214 17.10 -10.25 15.89
CA ARG B 214 16.56 -9.59 14.70
C ARG B 214 15.33 -8.72 15.05
N ALA B 215 15.13 -7.66 14.27
CA ALA B 215 14.02 -6.73 14.45
C ALA B 215 12.72 -7.27 13.87
N THR B 216 11.69 -7.31 14.71
CA THR B 216 10.34 -7.71 14.34
C THR B 216 9.35 -6.53 14.43
N CYS B 217 9.77 -5.37 14.99
CA CYS B 217 8.94 -4.19 15.18
C CYS B 217 9.63 -2.91 14.71
N PHE B 218 8.84 -1.88 14.44
CA PHE B 218 9.35 -0.59 14.00
C PHE B 218 8.51 0.52 14.61
N SER B 219 9.14 1.62 15.03
CA SER B 219 8.45 2.77 15.59
C SER B 219 8.63 3.96 14.67
N THR B 220 7.54 4.57 14.23
CA THR B 220 7.61 5.75 13.36
C THR B 220 8.09 6.95 14.15
N ALA B 221 7.59 7.13 15.39
CA ALA B 221 7.91 8.24 16.28
C ALA B 221 9.42 8.43 16.48
N SER B 222 10.17 7.33 16.68
CA SER B 222 11.60 7.43 16.91
C SER B 222 12.47 6.95 15.76
N ASP B 223 11.86 6.34 14.70
CA ASP B 223 12.59 5.77 13.55
C ASP B 223 13.54 4.68 14.07
N THR B 224 13.03 3.82 14.97
CA THR B 224 13.84 2.75 15.58
C THR B 224 13.22 1.36 15.40
N TYR B 225 14.05 0.31 15.54
CA TYR B 225 13.66 -1.09 15.39
C TYR B 225 13.81 -1.86 16.68
N ALA B 226 12.98 -2.89 16.88
CA ALA B 226 13.03 -3.67 18.11
C ALA B 226 12.61 -5.12 17.92
N CYS B 227 13.10 -6.01 18.79
CA CYS B 227 12.72 -7.41 18.79
C CYS B 227 11.35 -7.56 19.54
N TRP B 228 10.80 -8.79 19.66
CA TRP B 228 9.55 -8.98 20.40
C TRP B 228 9.70 -8.64 21.90
N HIS B 229 10.93 -8.67 22.44
CA HIS B 229 11.16 -8.37 23.86
C HIS B 229 11.19 -6.88 24.21
N HIS B 230 11.58 -6.01 23.25
CA HIS B 230 11.77 -4.58 23.50
C HIS B 230 10.90 -3.67 22.66
N SER B 231 9.75 -4.17 22.20
CA SER B 231 8.86 -3.41 21.33
C SER B 231 7.88 -2.51 22.05
N ILE B 232 8.07 -2.26 23.36
CA ILE B 232 7.14 -1.41 24.12
C ILE B 232 6.91 -0.04 23.46
N GLY B 233 5.64 0.26 23.20
CA GLY B 233 5.26 1.52 22.54
C GLY B 233 5.32 1.51 21.03
N PHE B 234 5.97 0.50 20.40
CA PHE B 234 6.13 0.40 18.94
C PHE B 234 4.80 0.27 18.21
N ASP B 235 4.71 0.92 17.05
CA ASP B 235 3.46 0.93 16.30
C ASP B 235 3.43 0.02 15.06
N TYR B 236 4.57 -0.41 14.50
CA TYR B 236 4.54 -1.24 13.29
C TYR B 236 5.13 -2.64 13.40
N VAL B 237 4.52 -3.59 12.66
CA VAL B 237 5.02 -4.96 12.53
C VAL B 237 6.05 -4.88 11.42
N TYR B 238 7.28 -5.26 11.70
CA TYR B 238 8.37 -5.15 10.73
C TYR B 238 8.83 -6.47 10.14
N ASN B 239 8.89 -6.51 8.81
CA ASN B 239 9.28 -7.71 8.06
C ASN B 239 8.54 -9.00 8.51
N PRO B 240 7.20 -9.02 8.51
CA PRO B 240 6.49 -10.26 8.86
C PRO B 240 6.52 -11.28 7.71
N PHE B 241 6.20 -12.53 8.04
CA PHE B 241 6.10 -13.60 7.06
C PHE B 241 4.68 -14.11 7.04
N MET B 242 4.31 -14.84 5.99
CA MET B 242 2.95 -15.32 5.85
C MET B 242 2.83 -16.43 4.82
N ILE B 243 1.68 -17.09 4.82
CA ILE B 243 1.38 -18.17 3.90
C ILE B 243 -0.15 -18.32 3.79
N ASP B 244 -0.63 -18.66 2.60
CA ASP B 244 -2.06 -18.82 2.33
C ASP B 244 -2.41 -20.31 2.26
N VAL B 245 -2.98 -20.84 3.34
CA VAL B 245 -3.40 -22.23 3.48
C VAL B 245 -4.38 -22.64 2.36
N GLN B 246 -5.24 -21.71 1.89
CA GLN B 246 -6.20 -21.98 0.81
C GLN B 246 -5.49 -22.52 -0.45
N GLN B 247 -4.27 -22.04 -0.71
CA GLN B 247 -3.53 -22.44 -1.89
C GLN B 247 -2.92 -23.83 -1.80
N TRP B 248 -3.12 -24.56 -0.71
CA TRP B 248 -2.56 -25.91 -0.56
C TRP B 248 -3.40 -27.02 -1.21
N GLY B 249 -4.18 -26.69 -2.23
CA GLY B 249 -4.99 -27.66 -2.96
C GLY B 249 -6.34 -28.02 -2.35
N PHE B 250 -6.90 -27.18 -1.46
CA PHE B 250 -8.18 -27.47 -0.83
C PHE B 250 -9.36 -27.18 -1.73
N THR B 251 -10.34 -28.09 -1.74
CA THR B 251 -11.51 -27.97 -2.58
C THR B 251 -12.54 -26.92 -2.11
N GLY B 252 -13.00 -26.99 -0.86
CA GLY B 252 -14.06 -26.09 -0.39
C GLY B 252 -13.66 -24.87 0.41
N ASN B 253 -14.55 -24.44 1.34
CA ASN B 253 -14.32 -23.29 2.21
C ASN B 253 -13.54 -23.66 3.50
N LEU B 254 -13.09 -22.65 4.27
CA LEU B 254 -12.33 -22.84 5.50
C LEU B 254 -13.02 -23.82 6.48
N GLN B 255 -14.28 -23.52 6.88
CA GLN B 255 -14.98 -24.35 7.84
C GLN B 255 -15.09 -25.81 7.46
N SER B 256 -15.50 -26.10 6.20
CA SER B 256 -15.63 -27.50 5.78
C SER B 256 -14.32 -28.26 5.74
N ASN B 257 -13.19 -27.59 5.50
CA ASN B 257 -11.90 -28.29 5.49
C ASN B 257 -11.34 -28.46 6.90
N HIS B 258 -11.59 -27.47 7.76
CA HIS B 258 -11.16 -27.54 9.14
C HIS B 258 -11.90 -28.69 9.85
N ASP B 259 -13.22 -28.79 9.62
CA ASP B 259 -14.04 -29.83 10.26
C ASP B 259 -13.73 -31.26 9.83
N LEU B 260 -12.93 -31.44 8.78
CA LEU B 260 -12.52 -32.78 8.38
C LEU B 260 -11.56 -33.39 9.42
N TYR B 261 -10.75 -32.56 10.09
CA TYR B 261 -9.79 -33.07 11.07
C TYR B 261 -10.13 -32.72 12.49
N CYS B 262 -10.79 -31.58 12.69
CA CYS B 262 -11.05 -31.05 14.02
C CYS B 262 -12.51 -30.81 14.30
N GLN B 263 -12.94 -31.20 15.51
CA GLN B 263 -14.32 -31.03 15.95
C GLN B 263 -14.47 -30.19 17.21
N VAL B 264 -13.41 -29.47 17.63
CA VAL B 264 -13.44 -28.69 18.85
C VAL B 264 -13.45 -27.17 18.64
N HIS B 265 -13.52 -26.71 17.38
CA HIS B 265 -13.56 -25.28 17.09
C HIS B 265 -14.82 -24.95 16.28
N GLY B 266 -15.93 -24.75 16.96
CA GLY B 266 -17.19 -24.38 16.32
C GLY B 266 -17.14 -22.99 15.72
N ASN B 267 -17.99 -22.71 14.71
CA ASN B 267 -17.96 -21.39 14.10
C ASN B 267 -18.80 -20.38 14.83
N ALA B 268 -18.15 -19.52 15.63
CA ALA B 268 -18.89 -18.44 16.32
C ALA B 268 -19.18 -17.23 15.38
N HIS B 269 -18.66 -17.27 14.11
CA HIS B 269 -18.81 -16.28 13.04
C HIS B 269 -18.15 -14.96 13.37
N VAL B 270 -16.99 -15.03 14.03
CA VAL B 270 -16.19 -13.86 14.38
C VAL B 270 -14.80 -14.00 13.70
N ALA B 271 -14.08 -12.88 13.50
CA ALA B 271 -12.77 -12.91 12.84
C ALA B 271 -11.75 -13.83 13.53
N SER B 272 -11.66 -13.79 14.87
CA SER B 272 -10.71 -14.63 15.61
C SER B 272 -10.97 -16.12 15.46
N CYS B 273 -12.25 -16.51 15.26
N CYS B 273 -12.24 -16.52 15.28
CA CYS B 273 -12.67 -17.90 15.07
CA CYS B 273 -12.57 -17.92 15.11
C CYS B 273 -12.13 -18.44 13.75
C CYS B 273 -12.15 -18.47 13.75
N ASP B 274 -12.13 -17.63 12.70
CA ASP B 274 -11.62 -18.06 11.40
C ASP B 274 -10.08 -18.16 11.48
N ALA B 275 -9.45 -17.24 12.19
CA ALA B 275 -8.02 -17.22 12.39
C ALA B 275 -7.58 -18.46 13.18
N ILE B 276 -8.38 -18.90 14.16
CA ILE B 276 -8.11 -20.11 14.95
C ILE B 276 -8.24 -21.35 14.06
N MET B 277 -9.29 -21.40 13.23
CA MET B 277 -9.54 -22.51 12.32
C MET B 277 -8.49 -22.63 11.23
N THR B 278 -7.96 -21.49 10.77
CA THR B 278 -6.90 -21.44 9.77
C THR B 278 -5.62 -22.08 10.33
N ARG B 279 -5.14 -21.63 11.50
CA ARG B 279 -3.95 -22.19 12.13
C ARG B 279 -4.16 -23.67 12.48
N CYS B 280 -5.36 -24.03 12.95
CA CYS B 280 -5.67 -25.42 13.30
C CYS B 280 -5.54 -26.31 12.05
N LEU B 281 -6.21 -25.94 10.94
CA LEU B 281 -6.15 -26.69 9.68
C LEU B 281 -4.70 -26.80 9.20
N ALA B 282 -3.95 -25.68 9.21
CA ALA B 282 -2.54 -25.67 8.81
C ALA B 282 -1.70 -26.68 9.62
N VAL B 283 -1.93 -26.77 10.94
CA VAL B 283 -1.22 -27.74 11.78
C VAL B 283 -1.61 -29.16 11.37
N HIS B 284 -2.93 -29.48 11.35
CA HIS B 284 -3.36 -30.83 10.96
C HIS B 284 -2.86 -31.27 9.58
N GLU B 285 -2.89 -30.38 8.61
CA GLU B 285 -2.47 -30.68 7.26
C GLU B 285 -0.95 -30.88 7.17
N CYS B 286 -0.18 -30.02 7.86
CA CYS B 286 1.28 -30.05 7.78
C CYS B 286 1.95 -31.12 8.61
N PHE B 287 1.34 -31.56 9.73
CA PHE B 287 2.05 -32.47 10.63
C PHE B 287 1.48 -33.88 10.76
N VAL B 288 0.28 -34.15 10.24
CA VAL B 288 -0.27 -35.51 10.29
C VAL B 288 0.20 -36.22 9.04
ZN ZN C . 3.53 13.65 -4.69
ZN ZN D . 21.09 27.01 -11.96
N1 A1IGK E . -13.87 8.83 -13.87
C4 A1IGK E . -10.87 7.04 -14.57
C5 A1IGK E . -9.82 6.42 -13.93
C6 A1IGK E . -9.50 6.76 -12.63
C7 A1IGK E . -10.21 7.74 -11.99
C8 A1IGK E . -11.28 8.36 -12.62
C1 A1IGK E . -15.09 9.35 -14.45
C2 A1IGK E . -12.77 8.67 -14.60
C3 A1IGK E . -11.60 8.03 -13.91
O1 A1IGK E . -12.72 9.00 -15.78
ZN ZN F . 15.98 -6.63 21.47
ZN ZN G . -9.76 -26.85 15.07
MG MG H . -13.35 -14.17 8.20
#